data_2HYK
#
_entry.id   2HYK
#
_cell.length_a   34.589
_cell.length_b   71.843
_cell.length_c   39.666
_cell.angle_alpha   90.00
_cell.angle_beta   90.21
_cell.angle_gamma   90.00
#
_symmetry.space_group_name_H-M   'P 1 21 1'
#
loop_
_entity.id
_entity.type
_entity.pdbx_description
1 polymer Beta-1,3-glucanase
2 non-polymer 'SULFATE ION'
3 non-polymer 'CALCIUM ION'
4 non-polymer ETHANOL
5 non-polymer GLYCEROL
6 water water
#
_entity_poly.entity_id   1
_entity_poly.type   'polypeptide(L)'
_entity_poly.pdbx_seq_one_letter_code
;TESDMRATLVWSDEFDGPAGSAPDPANWNHETGDHGWGNNELQNYTDSRANSALDGNGNLVITARQEADGGYTSARLTTQ
NKVQPQYGRVEASIQIPRGQGIWPAFWMLGADFPNTPWPDSGEIDIMENIGREPHLVHGSLHGPGYFGGEPLTGSYMHPQ
GWSFADTFHTFAVDWRPGSITWSVDGVAYQTYTSADTRGNPWVFDQPFFMILNVAVGGDWPGYPDGSTQFPQEMRVDYVR
VYELG
;
_entity_poly.pdbx_strand_id   A
#
loop_
_chem_comp.id
_chem_comp.type
_chem_comp.name
_chem_comp.formula
CA non-polymer 'CALCIUM ION' 'Ca 2'
EOH non-polymer ETHANOL 'C2 H6 O'
GOL non-polymer GLYCEROL 'C3 H8 O3'
SO4 non-polymer 'SULFATE ION' 'O4 S -2'
#
# COMPACT_ATOMS: atom_id res chain seq x y z
N ALA A 7 -22.08 9.79 -5.07
CA ALA A 7 -21.06 9.27 -4.11
C ALA A 7 -21.34 9.70 -2.67
N THR A 8 -20.94 8.86 -1.74
CA THR A 8 -21.02 9.20 -0.33
C THR A 8 -19.83 8.58 0.40
N LEU A 9 -19.24 9.37 1.28
CA LEU A 9 -18.14 8.89 2.11
C LEU A 9 -18.68 7.98 3.21
N VAL A 10 -18.39 6.68 3.11
CA VAL A 10 -18.96 5.71 4.06
C VAL A 10 -18.03 5.31 5.21
N TRP A 11 -16.73 5.52 5.04
CA TRP A 11 -15.76 5.24 6.10
C TRP A 11 -14.53 6.08 5.88
N SER A 12 -13.93 6.55 6.96
CA SER A 12 -12.59 7.12 6.87
C SER A 12 -11.85 6.98 8.18
N ASP A 13 -10.52 6.98 8.07
CA ASP A 13 -9.68 7.25 9.23
C ASP A 13 -8.89 8.50 8.88
N GLU A 14 -9.12 9.55 9.65
CA GLU A 14 -8.48 10.85 9.44
C GLU A 14 -7.22 11.00 10.27
N PHE A 15 -6.94 10.00 11.12
CA PHE A 15 -5.70 9.94 11.91
C PHE A 15 -5.53 11.14 12.85
N ASP A 16 -6.65 11.56 13.44
CA ASP A 16 -6.65 12.56 14.50
C ASP A 16 -6.09 11.96 15.78
N GLY A 17 -5.32 12.76 16.51
CA GLY A 17 -4.83 12.35 17.83
C GLY A 17 -3.42 12.84 18.09
N PRO A 18 -2.99 12.83 19.36
CA PRO A 18 -1.68 13.35 19.73
C PRO A 18 -0.50 12.48 19.27
N ALA A 19 0.67 13.09 19.22
CA ALA A 19 1.89 12.41 18.77
C ALA A 19 2.19 11.20 19.62
N GLY A 20 2.43 10.08 18.95
CA GLY A 20 2.77 8.83 19.63
C GLY A 20 1.59 7.92 19.88
N SER A 21 0.37 8.39 19.59
CA SER A 21 -0.81 7.56 19.80
C SER A 21 -0.86 6.41 18.82
N ALA A 22 -1.49 5.32 19.24
CA ALA A 22 -1.61 4.14 18.40
C ALA A 22 -2.69 4.33 17.34
N PRO A 23 -2.50 3.71 16.16
CA PRO A 23 -3.58 3.66 15.18
C PRO A 23 -4.81 3.02 15.81
N ASP A 24 -5.99 3.50 15.45
CA ASP A 24 -7.24 3.08 16.08
C ASP A 24 -7.47 1.57 15.88
N PRO A 25 -7.48 0.79 16.97
CA PRO A 25 -7.66 -0.67 16.85
C PRO A 25 -9.04 -1.07 16.34
N ALA A 26 -10.00 -0.16 16.34
CA ALA A 26 -11.29 -0.40 15.70
C ALA A 26 -11.13 -0.61 14.21
N ASN A 27 -10.07 -0.02 13.64
CA ASN A 27 -9.80 -0.09 12.20
C ASN A 27 -8.63 -0.99 11.84
N TRP A 28 -7.58 -0.98 12.68
CA TRP A 28 -6.26 -1.47 12.27
C TRP A 28 -5.73 -2.64 13.09
N ASN A 29 -5.03 -3.52 12.38
CA ASN A 29 -4.22 -4.59 12.96
C ASN A 29 -2.77 -4.33 12.61
N HIS A 30 -1.86 -4.81 13.45
CA HIS A 30 -0.44 -4.86 13.12
C HIS A 30 -0.09 -6.27 12.69
N GLU A 31 0.51 -6.41 11.51
CA GLU A 31 1.12 -7.69 11.12
C GLU A 31 2.61 -7.62 11.43
N THR A 32 3.17 -8.73 11.90
CA THR A 32 4.57 -8.74 12.35
C THR A 32 5.37 -9.88 11.75
N GLY A 33 6.69 -9.71 11.68
CA GLY A 33 7.57 -10.78 11.21
C GLY A 33 8.55 -10.37 10.13
N ASP A 34 9.54 -11.22 9.89
CA ASP A 34 10.66 -10.93 8.98
C ASP A 34 10.95 -12.05 7.98
N HIS A 35 9.90 -12.76 7.55
CA HIS A 35 10.05 -13.93 6.69
C HIS A 35 10.17 -13.61 5.19
N GLY A 36 10.26 -12.32 4.84
CA GLY A 36 10.46 -11.93 3.45
C GLY A 36 9.19 -11.48 2.74
N TRP A 37 8.04 -11.87 3.29
CA TRP A 37 6.71 -11.44 2.81
C TRP A 37 6.45 -11.72 1.31
N GLY A 38 7.11 -12.77 0.82
CA GLY A 38 6.93 -13.24 -0.56
C GLY A 38 7.80 -12.55 -1.60
N ASN A 39 8.66 -11.63 -1.16
CA ASN A 39 9.46 -10.82 -2.08
C ASN A 39 10.91 -10.64 -1.68
N ASN A 40 11.40 -11.51 -0.77
CA ASN A 40 12.76 -11.38 -0.21
C ASN A 40 13.01 -10.02 0.45
N GLU A 41 11.98 -9.53 1.15
CA GLU A 41 12.09 -8.27 1.89
C GLU A 41 12.93 -8.44 3.14
N LEU A 42 13.61 -7.38 3.56
CA LEU A 42 14.54 -7.48 4.69
C LEU A 42 13.93 -7.16 6.04
N GLN A 43 12.90 -6.31 6.06
CA GLN A 43 12.42 -5.75 7.32
C GLN A 43 11.71 -6.75 8.22
N ASN A 44 11.83 -6.48 9.52
CA ASN A 44 10.97 -7.08 10.52
C ASN A 44 9.84 -6.10 10.82
N TYR A 45 8.61 -6.48 10.50
CA TYR A 45 7.48 -5.67 10.87
C TYR A 45 7.17 -5.85 12.36
N THR A 46 6.94 -4.75 13.06
CA THR A 46 6.71 -4.78 14.52
C THR A 46 5.40 -4.10 14.88
N ASP A 47 4.98 -4.27 16.13
CA ASP A 47 3.82 -3.55 16.65
C ASP A 47 4.24 -2.38 17.55
N SER A 48 5.49 -1.96 17.43
CA SER A 48 6.05 -0.89 18.26
C SER A 48 5.58 0.48 17.80
N ARG A 49 5.32 1.38 18.75
CA ARG A 49 4.98 2.77 18.43
C ARG A 49 6.14 3.50 17.73
N ALA A 50 7.33 2.91 17.79
CA ALA A 50 8.50 3.44 17.08
C ALA A 50 8.39 3.24 15.56
N ASN A 51 7.59 2.26 15.14
CA ASN A 51 7.40 2.01 13.71
C ASN A 51 6.04 2.43 13.15
N SER A 52 5.03 2.60 14.01
CA SER A 52 3.75 3.15 13.58
C SER A 52 3.06 3.88 14.72
N ALA A 53 2.69 5.12 14.45
CA ALA A 53 2.01 5.95 15.43
C ALA A 53 1.52 7.20 14.72
N LEU A 54 0.60 7.91 15.37
CA LEU A 54 0.19 9.22 14.87
C LEU A 54 1.26 10.26 15.18
N ASP A 55 1.33 11.32 14.37
CA ASP A 55 2.33 12.38 14.59
C ASP A 55 1.83 13.60 15.35
N GLY A 56 0.55 13.64 15.68
CA GLY A 56 -0.05 14.80 16.36
C GLY A 56 -0.40 15.94 15.43
N ASN A 57 -0.11 15.73 14.15
CA ASN A 57 -0.35 16.71 13.10
C ASN A 57 -1.42 16.18 12.12
N GLY A 58 -2.10 15.12 12.52
CA GLY A 58 -3.17 14.53 11.74
C GLY A 58 -2.75 13.46 10.75
N ASN A 59 -1.54 12.91 10.91
CA ASN A 59 -1.05 11.84 10.06
C ASN A 59 -0.74 10.58 10.83
N LEU A 60 -1.01 9.44 10.20
CA LEU A 60 -0.35 8.19 10.54
C LEU A 60 1.05 8.23 9.98
N VAL A 61 2.04 7.82 10.76
CA VAL A 61 3.40 7.73 10.29
C VAL A 61 3.87 6.29 10.48
N ILE A 62 4.26 5.65 9.38
CA ILE A 62 4.97 4.38 9.43
C ILE A 62 6.44 4.69 9.20
N THR A 63 7.30 4.23 10.10
CA THR A 63 8.73 4.52 10.02
C THR A 63 9.55 3.24 9.81
N ALA A 64 10.32 3.24 8.72
CA ALA A 64 11.30 2.20 8.44
C ALA A 64 12.63 2.64 9.04
N ARG A 65 13.22 1.77 9.84
CA ARG A 65 14.41 2.10 10.61
C ARG A 65 15.49 1.07 10.37
N GLN A 66 16.74 1.50 10.48
CA GLN A 66 17.87 0.58 10.51
C GLN A 66 18.40 0.48 11.93
N GLU A 67 18.61 -0.75 12.40
CA GLU A 67 19.12 -0.97 13.74
C GLU A 67 20.63 -1.11 13.73
N ALA A 68 21.22 -1.11 14.93
CA ALA A 68 22.68 -1.16 15.07
C ALA A 68 23.32 -2.37 14.38
N ASP A 69 22.60 -3.49 14.35
CA ASP A 69 23.13 -4.70 13.70
C ASP A 69 22.99 -4.71 12.18
N GLY A 70 22.43 -3.64 11.62
CA GLY A 70 22.29 -3.50 10.17
C GLY A 70 20.94 -3.95 9.65
N GLY A 71 20.16 -4.65 10.48
CA GLY A 71 18.80 -5.08 10.13
C GLY A 71 17.81 -3.93 10.15
N TYR A 72 16.58 -4.21 9.72
CA TYR A 72 15.57 -3.17 9.54
C TYR A 72 14.27 -3.50 10.23
N THR A 73 13.58 -2.46 10.69
CA THR A 73 12.23 -2.61 11.23
C THR A 73 11.29 -1.66 10.49
N SER A 74 10.01 -2.01 10.49
CA SER A 74 8.99 -1.18 9.88
C SER A 74 7.63 -1.62 10.43
N ALA A 75 6.56 -1.17 9.80
CA ALA A 75 5.21 -1.59 10.17
C ALA A 75 4.38 -1.95 8.95
N ARG A 76 3.43 -2.84 9.16
CA ARG A 76 2.47 -3.27 8.16
C ARG A 76 1.12 -3.34 8.86
N LEU A 77 0.24 -2.41 8.50
CA LEU A 77 -1.07 -2.28 9.13
C LEU A 77 -2.15 -2.76 8.17
N THR A 78 -3.11 -3.51 8.69
CA THR A 78 -4.21 -3.97 7.85
C THR A 78 -5.56 -3.69 8.49
N THR A 79 -6.60 -3.70 7.68
CA THR A 79 -7.97 -3.58 8.19
C THR A 79 -8.72 -4.91 8.16
N GLN A 80 -7.99 -6.01 8.08
CA GLN A 80 -8.62 -7.33 8.01
C GLN A 80 -9.59 -7.54 9.17
N ASN A 81 -10.79 -8.01 8.82
CA ASN A 81 -11.87 -8.31 9.77
C ASN A 81 -12.46 -7.07 10.45
N LYS A 82 -12.08 -5.88 9.96
CA LYS A 82 -12.50 -4.62 10.57
C LYS A 82 -13.11 -3.65 9.58
N VAL A 83 -12.43 -3.43 8.45
CA VAL A 83 -12.94 -2.58 7.38
C VAL A 83 -12.70 -3.32 6.07
N GLN A 84 -13.79 -3.73 5.41
CA GLN A 84 -13.66 -4.58 4.25
C GLN A 84 -14.49 -4.03 3.08
N PRO A 85 -13.94 -3.02 2.36
CA PRO A 85 -14.66 -2.40 1.25
C PRO A 85 -14.97 -3.39 0.15
N GLN A 86 -16.09 -3.16 -0.52
CA GLN A 86 -16.42 -3.85 -1.76
C GLN A 86 -17.01 -2.82 -2.71
N TYR A 87 -16.19 -2.43 -3.69
CA TYR A 87 -16.50 -1.40 -4.70
C TYR A 87 -16.49 0.01 -4.14
N GLY A 88 -16.54 0.97 -5.06
CA GLY A 88 -16.52 2.39 -4.75
C GLY A 88 -15.15 2.97 -4.99
N ARG A 89 -14.85 4.06 -4.30
CA ARG A 89 -13.56 4.68 -4.40
C ARG A 89 -12.81 4.48 -3.10
N VAL A 90 -11.63 3.89 -3.21
CA VAL A 90 -10.77 3.63 -2.06
C VAL A 90 -9.53 4.49 -2.27
N GLU A 91 -9.33 5.45 -1.36
CA GLU A 91 -8.26 6.43 -1.55
C GLU A 91 -7.49 6.71 -0.27
N ALA A 92 -6.25 7.15 -0.43
CA ALA A 92 -5.44 7.61 0.69
C ALA A 92 -4.59 8.78 0.22
N SER A 93 -4.42 9.75 1.11
CA SER A 93 -3.50 10.86 0.87
C SER A 93 -2.20 10.53 1.58
N ILE A 94 -1.13 10.33 0.79
CA ILE A 94 0.12 9.76 1.29
C ILE A 94 1.31 10.59 0.81
N GLN A 95 2.22 10.89 1.73
CA GLN A 95 3.56 11.36 1.40
C GLN A 95 4.51 10.18 1.54
N ILE A 96 4.98 9.67 0.41
CA ILE A 96 5.82 8.47 0.44
C ILE A 96 7.24 8.78 0.88
N PRO A 97 7.92 7.77 1.44
CA PRO A 97 9.33 7.90 1.76
C PRO A 97 10.20 7.88 0.51
N ARG A 98 11.50 8.01 0.71
CA ARG A 98 12.41 7.96 -0.42
C ARG A 98 13.67 7.18 -0.06
N GLY A 99 14.38 6.74 -1.11
CA GLY A 99 15.65 6.05 -0.93
C GLY A 99 15.71 4.74 -1.66
N GLN A 100 16.88 4.41 -2.20
CA GLN A 100 17.10 3.12 -2.83
C GLN A 100 16.70 1.99 -1.89
N GLY A 101 15.90 1.06 -2.40
CA GLY A 101 15.50 -0.11 -1.62
C GLY A 101 14.23 0.07 -0.82
N ILE A 102 13.72 1.29 -0.74
CA ILE A 102 12.50 1.55 0.04
C ILE A 102 11.28 1.25 -0.82
N TRP A 103 10.27 0.61 -0.23
CA TRP A 103 9.13 0.07 -0.99
C TRP A 103 7.83 0.28 -0.23
N PRO A 104 7.31 1.53 -0.25
CA PRO A 104 6.03 1.83 0.36
C PRO A 104 4.86 1.33 -0.49
N ALA A 105 3.75 1.00 0.16
CA ALA A 105 2.57 0.54 -0.55
C ALA A 105 1.27 0.80 0.18
N PHE A 106 0.23 1.01 -0.62
CA PHE A 106 -1.16 1.05 -0.18
C PHE A 106 -1.90 0.07 -1.08
N TRP A 107 -2.47 -0.98 -0.49
CA TRP A 107 -2.98 -2.06 -1.29
C TRP A 107 -4.06 -2.83 -0.57
N MET A 108 -4.60 -3.84 -1.23
CA MET A 108 -5.72 -4.62 -0.69
C MET A 108 -5.55 -6.09 -1.01
N LEU A 109 -5.99 -6.93 -0.08
CA LEU A 109 -6.02 -8.36 -0.27
C LEU A 109 -7.45 -8.84 -0.16
N GLY A 110 -7.80 -9.86 -0.94
CA GLY A 110 -9.16 -10.40 -0.91
C GLY A 110 -9.48 -10.89 0.49
N ALA A 111 -10.69 -10.58 0.96
CA ALA A 111 -11.04 -10.82 2.36
C ALA A 111 -11.18 -12.30 2.73
N ASP A 112 -11.17 -13.20 1.76
CA ASP A 112 -11.15 -14.62 2.11
C ASP A 112 -9.74 -15.18 2.31
N PHE A 113 -8.71 -14.37 2.10
CA PHE A 113 -7.34 -14.81 2.42
C PHE A 113 -7.19 -14.99 3.93
N PRO A 114 -6.55 -16.08 4.40
CA PRO A 114 -5.94 -17.21 3.68
C PRO A 114 -6.81 -18.45 3.56
N ASN A 115 -8.10 -18.35 3.90
CA ASN A 115 -9.02 -19.47 3.63
C ASN A 115 -9.00 -19.84 2.15
N THR A 116 -8.90 -18.82 1.30
CA THR A 116 -8.55 -18.96 -0.11
C THR A 116 -7.09 -18.52 -0.21
N PRO A 117 -6.22 -19.34 -0.85
CA PRO A 117 -4.81 -18.94 -0.93
C PRO A 117 -4.60 -17.80 -1.93
N TRP A 118 -3.46 -17.14 -1.81
CA TRP A 118 -3.02 -16.19 -2.83
C TRP A 118 -2.41 -17.01 -3.97
N PRO A 119 -2.59 -16.57 -5.25
CA PRO A 119 -3.25 -15.37 -5.75
C PRO A 119 -4.74 -15.52 -5.99
N ASP A 120 -5.29 -16.70 -5.72
CA ASP A 120 -6.73 -16.96 -5.93
C ASP A 120 -7.62 -15.99 -5.15
N SER A 121 -7.13 -15.54 -4.00
CA SER A 121 -7.85 -14.59 -3.15
C SER A 121 -8.00 -13.21 -3.78
N GLY A 122 -7.09 -12.88 -4.70
CA GLY A 122 -7.01 -11.57 -5.31
C GLY A 122 -6.15 -10.59 -4.53
N GLU A 123 -5.51 -9.68 -5.26
CA GLU A 123 -4.74 -8.60 -4.67
C GLU A 123 -4.89 -7.37 -5.57
N ILE A 124 -5.23 -6.23 -4.97
CA ILE A 124 -5.32 -4.96 -5.68
C ILE A 124 -4.28 -4.01 -5.10
N ASP A 125 -3.26 -3.69 -5.90
CA ASP A 125 -2.23 -2.75 -5.47
C ASP A 125 -2.62 -1.36 -5.94
N ILE A 126 -2.99 -0.50 -5.00
CA ILE A 126 -3.48 0.84 -5.31
C ILE A 126 -2.32 1.77 -5.64
N MET A 127 -1.30 1.75 -4.79
CA MET A 127 -0.07 2.48 -5.02
C MET A 127 1.08 1.64 -4.52
N GLU A 128 2.05 1.42 -5.39
CA GLU A 128 3.37 0.96 -4.97
C GLU A 128 4.42 1.89 -5.55
N ASN A 129 5.47 2.13 -4.77
CA ASN A 129 6.62 2.88 -5.25
C ASN A 129 7.87 2.12 -4.87
N ILE A 130 8.88 2.15 -5.74
CA ILE A 130 10.22 1.70 -5.37
C ILE A 130 11.16 2.90 -5.40
N GLY A 131 12.08 2.95 -4.44
CA GLY A 131 12.89 4.15 -4.23
C GLY A 131 13.76 4.60 -5.39
N ARG A 132 14.16 3.68 -6.25
CA ARG A 132 14.96 4.06 -7.42
C ARG A 132 14.12 4.77 -8.50
N GLU A 133 12.80 4.78 -8.31
CA GLU A 133 11.85 5.46 -9.21
C GLU A 133 11.00 6.45 -8.41
N PRO A 134 11.61 7.52 -7.86
CA PRO A 134 10.86 8.42 -6.97
C PRO A 134 9.67 9.11 -7.64
N HIS A 135 9.72 9.22 -8.97
CA HIS A 135 8.72 9.94 -9.76
C HIS A 135 7.69 9.03 -10.41
N LEU A 136 7.67 7.75 -10.02
CA LEU A 136 6.74 6.77 -10.59
C LEU A 136 6.01 6.03 -9.50
N VAL A 137 4.72 5.78 -9.72
CA VAL A 137 3.99 4.79 -8.92
C VAL A 137 3.40 3.75 -9.86
N HIS A 138 3.06 2.60 -9.29
CA HIS A 138 2.52 1.46 -10.03
C HIS A 138 1.20 1.01 -9.43
N GLY A 139 0.28 0.62 -10.30
CA GLY A 139 -1.01 0.04 -9.90
C GLY A 139 -1.14 -1.32 -10.54
N SER A 140 -1.56 -2.32 -9.76
CA SER A 140 -1.51 -3.71 -10.23
C SER A 140 -2.65 -4.55 -9.70
N LEU A 141 -2.91 -5.65 -10.41
CA LEU A 141 -3.83 -6.70 -9.97
C LEU A 141 -3.12 -8.04 -10.04
N HIS A 142 -3.25 -8.83 -8.98
CA HIS A 142 -2.77 -10.21 -8.98
C HIS A 142 -3.97 -11.12 -8.81
N GLY A 143 -4.04 -12.14 -9.67
CA GLY A 143 -5.10 -13.13 -9.64
C GLY A 143 -4.62 -14.38 -10.37
N PRO A 144 -5.46 -15.43 -10.41
CA PRO A 144 -5.04 -16.68 -11.05
C PRO A 144 -4.65 -16.45 -12.50
N GLY A 145 -3.43 -16.82 -12.86
CA GLY A 145 -2.93 -16.64 -14.23
C GLY A 145 -2.35 -15.28 -14.54
N TYR A 146 -2.44 -14.33 -13.61
CA TYR A 146 -1.86 -12.99 -13.77
C TYR A 146 -1.35 -12.51 -12.41
N PHE A 147 -0.21 -13.05 -11.98
CA PHE A 147 0.27 -12.80 -10.62
C PHE A 147 1.78 -12.84 -10.52
N GLY A 148 2.29 -12.32 -9.42
CA GLY A 148 3.70 -12.46 -9.03
C GLY A 148 4.56 -11.62 -9.94
N GLY A 149 5.29 -12.29 -10.82
CA GLY A 149 6.09 -11.61 -11.83
C GLY A 149 5.29 -11.06 -13.00
N GLU A 150 4.06 -11.54 -13.16
CA GLU A 150 3.22 -11.12 -14.28
C GLU A 150 1.80 -10.64 -13.92
N PRO A 151 1.68 -9.67 -12.99
CA PRO A 151 0.37 -9.11 -12.69
C PRO A 151 -0.13 -8.26 -13.86
N LEU A 152 -1.43 -7.94 -13.86
CA LEU A 152 -1.89 -6.86 -14.72
C LEU A 152 -1.39 -5.57 -14.06
N THR A 153 -0.67 -4.76 -14.80
CA THR A 153 0.02 -3.64 -14.17
C THR A 153 0.29 -2.48 -15.13
N GLY A 154 0.66 -1.35 -14.53
CA GLY A 154 1.08 -0.18 -15.29
C GLY A 154 1.59 0.85 -14.31
N SER A 155 2.13 1.94 -14.84
CA SER A 155 2.75 2.96 -14.02
C SER A 155 2.24 4.35 -14.39
N TYR A 156 2.42 5.28 -13.47
CA TYR A 156 2.09 6.67 -13.66
C TYR A 156 3.25 7.50 -13.19
N MET A 157 3.74 8.36 -14.06
CA MET A 157 4.79 9.29 -13.68
C MET A 157 4.18 10.61 -13.21
N HIS A 158 4.78 11.19 -12.17
CA HIS A 158 4.42 12.53 -11.75
C HIS A 158 4.35 13.40 -13.00
N PRO A 159 3.27 14.19 -13.16
CA PRO A 159 3.09 14.93 -14.42
C PRO A 159 4.21 15.89 -14.80
N GLN A 160 4.99 16.34 -13.81
CA GLN A 160 6.14 17.20 -14.07
C GLN A 160 7.47 16.45 -13.94
N GLY A 161 7.39 15.15 -13.65
CA GLY A 161 8.58 14.32 -13.45
C GLY A 161 9.24 14.46 -12.10
N TRP A 162 8.52 15.03 -11.14
CA TRP A 162 9.08 15.27 -9.80
C TRP A 162 8.92 14.07 -8.89
N SER A 163 9.66 14.06 -7.79
CA SER A 163 9.52 13.00 -6.81
C SER A 163 8.18 13.07 -6.07
N PHE A 164 7.47 11.94 -6.02
CA PHE A 164 6.23 11.89 -5.23
C PHE A 164 6.47 12.11 -3.73
N ALA A 165 7.68 11.82 -3.25
CA ALA A 165 8.03 11.97 -1.83
C ALA A 165 8.01 13.42 -1.35
N ASP A 166 7.96 14.36 -2.29
CA ASP A 166 8.02 15.78 -1.92
C ASP A 166 6.80 16.29 -1.15
N THR A 167 5.64 15.65 -1.35
CA THR A 167 4.42 16.11 -0.70
C THR A 167 3.38 14.99 -0.67
N PHE A 168 2.20 15.30 -0.13
CA PHE A 168 1.09 14.36 -0.11
C PHE A 168 0.40 14.30 -1.48
N HIS A 169 0.06 13.09 -1.90
CA HIS A 169 -0.69 12.86 -3.12
C HIS A 169 -1.83 11.89 -2.83
N THR A 170 -2.93 12.00 -3.57
CA THR A 170 -4.07 11.11 -3.37
C THR A 170 -4.04 9.94 -4.33
N PHE A 171 -3.85 8.75 -3.80
CA PHE A 171 -3.79 7.53 -4.59
C PHE A 171 -5.09 6.78 -4.40
N ALA A 172 -5.74 6.41 -5.50
CA ALA A 172 -7.06 5.80 -5.42
C ALA A 172 -7.29 4.75 -6.48
N VAL A 173 -8.23 3.86 -6.17
CA VAL A 173 -8.93 3.09 -7.18
C VAL A 173 -10.42 3.41 -7.14
N ASP A 174 -11.03 3.41 -8.33
CA ASP A 174 -12.48 3.42 -8.48
C ASP A 174 -12.85 2.05 -9.02
N TRP A 175 -13.73 1.37 -8.29
CA TRP A 175 -13.87 -0.08 -8.37
C TRP A 175 -15.35 -0.42 -8.47
N ARG A 176 -15.69 -1.24 -9.48
CA ARG A 176 -17.06 -1.70 -9.66
C ARG A 176 -16.98 -3.13 -10.15
N PRO A 177 -18.12 -3.86 -10.13
CA PRO A 177 -18.05 -5.22 -10.68
C PRO A 177 -17.38 -5.25 -12.05
N GLY A 178 -16.37 -6.09 -12.20
CA GLY A 178 -15.66 -6.26 -13.45
C GLY A 178 -14.67 -5.19 -13.89
N SER A 179 -14.44 -4.14 -13.10
CA SER A 179 -13.60 -3.03 -13.56
C SER A 179 -12.96 -2.24 -12.44
N ILE A 180 -11.68 -1.92 -12.60
CA ILE A 180 -10.93 -1.09 -11.64
C ILE A 180 -10.13 -0.03 -12.40
N THR A 181 -10.22 1.22 -11.92
CA THR A 181 -9.51 2.36 -12.48
C THR A 181 -8.61 3.00 -11.42
N TRP A 182 -7.35 3.23 -11.76
CA TRP A 182 -6.38 3.84 -10.85
C TRP A 182 -6.24 5.32 -11.15
N SER A 183 -6.11 6.13 -10.09
CA SER A 183 -5.91 7.57 -10.25
C SER A 183 -4.89 8.12 -9.27
N VAL A 184 -4.29 9.24 -9.64
CA VAL A 184 -3.37 9.97 -8.77
C VAL A 184 -3.80 11.43 -8.83
N ASP A 185 -4.11 11.99 -7.66
CA ASP A 185 -4.63 13.36 -7.55
C ASP A 185 -5.84 13.59 -8.46
N GLY A 186 -6.67 12.55 -8.57
CA GLY A 186 -7.89 12.60 -9.36
C GLY A 186 -7.74 12.24 -10.82
N VAL A 187 -6.50 12.11 -11.30
CA VAL A 187 -6.24 11.83 -12.72
C VAL A 187 -6.19 10.32 -12.93
N ALA A 188 -7.14 9.80 -13.69
CA ALA A 188 -7.16 8.36 -14.03
C ALA A 188 -6.05 8.07 -15.03
N TYR A 189 -5.31 6.99 -14.81
CA TYR A 189 -4.22 6.64 -15.72
C TYR A 189 -4.30 5.24 -16.30
N GLN A 190 -5.13 4.38 -15.71
CA GLN A 190 -5.35 3.06 -16.28
C GLN A 190 -6.62 2.42 -15.75
N THR A 191 -7.20 1.58 -16.60
CA THR A 191 -8.37 0.79 -16.23
C THR A 191 -8.15 -0.65 -16.70
N TYR A 192 -8.36 -1.59 -15.79
CA TYR A 192 -8.34 -3.00 -16.14
C TYR A 192 -9.67 -3.62 -15.81
N THR A 193 -10.13 -4.50 -16.68
CA THR A 193 -11.44 -5.11 -16.55
C THR A 193 -11.36 -6.62 -16.71
N SER A 194 -12.49 -7.29 -16.53
CA SER A 194 -12.54 -8.74 -16.72
C SER A 194 -12.13 -9.15 -18.14
N ALA A 195 -12.24 -8.24 -19.10
CA ALA A 195 -11.83 -8.53 -20.47
C ALA A 195 -10.32 -8.57 -20.65
N ASP A 196 -9.58 -8.07 -19.66
CA ASP A 196 -8.12 -7.96 -19.76
C ASP A 196 -7.36 -9.15 -19.14
N THR A 197 -8.08 -10.12 -18.60
CA THR A 197 -7.44 -11.26 -17.90
C THR A 197 -7.01 -12.42 -18.80
N ARG A 198 -7.21 -12.27 -20.12
CA ARG A 198 -6.84 -13.33 -21.09
C ARG A 198 -7.51 -14.68 -20.80
N GLY A 199 -8.78 -14.66 -20.39
CA GLY A 199 -9.52 -15.90 -20.10
C GLY A 199 -9.31 -16.45 -18.70
N ASN A 200 -8.51 -15.75 -17.89
CA ASN A 200 -8.36 -16.11 -16.48
C ASN A 200 -9.50 -15.50 -15.66
N PRO A 201 -9.84 -16.11 -14.50
CA PRO A 201 -10.92 -15.56 -13.70
C PRO A 201 -10.63 -14.16 -13.16
N TRP A 202 -11.63 -13.28 -13.23
CA TRP A 202 -11.62 -11.99 -12.58
C TRP A 202 -12.04 -12.22 -11.12
N VAL A 203 -11.17 -11.91 -10.16
CA VAL A 203 -11.40 -12.27 -8.76
C VAL A 203 -11.69 -11.06 -7.85
N PHE A 204 -12.14 -9.97 -8.44
CA PHE A 204 -12.28 -8.72 -7.69
C PHE A 204 -13.70 -8.34 -7.34
N ASP A 205 -14.65 -9.23 -7.64
CA ASP A 205 -16.05 -8.98 -7.31
C ASP A 205 -16.41 -9.55 -5.93
N GLN A 206 -15.71 -9.06 -4.91
CA GLN A 206 -15.85 -9.55 -3.54
C GLN A 206 -15.19 -8.54 -2.60
N PRO A 207 -15.47 -8.62 -1.28
CA PRO A 207 -14.80 -7.70 -0.34
C PRO A 207 -13.30 -7.91 -0.24
N PHE A 208 -12.60 -6.81 0.01
CA PHE A 208 -11.14 -6.80 0.24
C PHE A 208 -10.86 -6.06 1.54
N PHE A 209 -9.68 -6.28 2.13
CA PHE A 209 -9.25 -5.42 3.25
C PHE A 209 -8.02 -4.62 2.82
N MET A 210 -7.75 -3.54 3.54
CA MET A 210 -6.70 -2.59 3.17
C MET A 210 -5.42 -2.80 3.95
N ILE A 211 -4.30 -2.47 3.31
CA ILE A 211 -2.97 -2.63 3.90
C ILE A 211 -2.13 -1.38 3.60
N LEU A 212 -1.42 -0.90 4.62
CA LEU A 212 -0.40 0.14 4.47
C LEU A 212 0.88 -0.40 5.05
N ASN A 213 1.98 -0.26 4.31
CA ASN A 213 3.26 -0.74 4.81
C ASN A 213 4.42 -0.02 4.15
N VAL A 214 5.60 -0.12 4.76
CA VAL A 214 6.83 0.26 4.11
C VAL A 214 7.79 -0.92 4.20
N ALA A 215 8.02 -1.58 3.07
CA ALA A 215 9.02 -2.65 3.01
C ALA A 215 10.41 -2.05 2.79
N VAL A 216 11.43 -2.77 3.26
CA VAL A 216 12.83 -2.39 3.03
C VAL A 216 13.46 -3.55 2.29
N GLY A 217 13.83 -3.31 1.05
CA GLY A 217 14.42 -4.35 0.23
C GLY A 217 13.39 -5.26 -0.40
N GLY A 218 13.84 -6.02 -1.39
CA GLY A 218 12.99 -6.94 -2.11
C GLY A 218 13.54 -7.15 -3.50
N ASP A 219 13.08 -8.20 -4.17
CA ASP A 219 13.56 -8.51 -5.52
C ASP A 219 13.34 -7.34 -6.47
N TRP A 220 12.15 -6.75 -6.43
CA TRP A 220 11.81 -5.64 -7.33
C TRP A 220 12.54 -4.32 -7.00
N PRO A 221 12.40 -3.80 -5.76
CA PRO A 221 13.10 -2.54 -5.47
C PRO A 221 14.63 -2.66 -5.37
N GLY A 222 15.14 -3.86 -5.17
CA GLY A 222 16.55 -4.02 -4.79
C GLY A 222 16.70 -3.61 -3.33
N TYR A 223 17.95 -3.41 -2.91
CA TYR A 223 18.28 -3.29 -1.50
C TYR A 223 18.90 -1.94 -1.18
N PRO A 224 18.77 -1.47 0.08
CA PRO A 224 19.33 -0.18 0.44
C PRO A 224 20.82 -0.09 0.13
N ASP A 225 21.27 1.11 -0.20
CA ASP A 225 22.68 1.36 -0.42
C ASP A 225 23.10 2.68 0.21
N GLY A 226 24.22 3.23 -0.22
CA GLY A 226 24.73 4.50 0.32
C GLY A 226 23.84 5.71 0.07
N SER A 227 22.92 5.60 -0.88
CA SER A 227 21.97 6.68 -1.19
C SER A 227 20.68 6.59 -0.36
N THR A 228 20.61 5.61 0.54
CA THR A 228 19.44 5.43 1.39
C THR A 228 19.72 6.01 2.77
N GLN A 229 18.82 6.88 3.23
CA GLN A 229 18.97 7.54 4.52
C GLN A 229 17.87 7.12 5.47
N PHE A 230 18.24 6.39 6.51
CA PHE A 230 17.28 5.96 7.53
C PHE A 230 17.33 6.91 8.72
N PRO A 231 16.20 7.09 9.42
CA PRO A 231 14.89 6.46 9.18
C PRO A 231 14.10 7.11 8.05
N GLN A 232 13.15 6.37 7.49
CA GLN A 232 12.25 6.88 6.46
C GLN A 232 10.79 6.77 6.89
N GLU A 233 10.03 7.83 6.64
CA GLU A 233 8.63 7.90 7.04
C GLU A 233 7.69 7.86 5.85
N MET A 234 6.63 7.06 5.96
CA MET A 234 5.46 7.24 5.12
C MET A 234 4.41 7.92 5.96
N ARG A 235 3.94 9.08 5.49
CA ARG A 235 2.92 9.83 6.21
C ARG A 235 1.61 9.69 5.48
N VAL A 236 0.54 9.39 6.23
CA VAL A 236 -0.78 9.20 5.66
C VAL A 236 -1.75 10.15 6.35
N ASP A 237 -2.32 11.10 5.60
CA ASP A 237 -3.22 12.09 6.17
C ASP A 237 -4.60 11.48 6.43
N TYR A 238 -5.03 10.58 5.56
CA TYR A 238 -6.32 9.92 5.70
C TYR A 238 -6.41 8.75 4.75
N VAL A 239 -7.30 7.84 5.09
CA VAL A 239 -7.80 6.82 4.18
C VAL A 239 -9.31 7.03 4.14
N ARG A 240 -9.86 7.08 2.93
CA ARG A 240 -11.31 7.35 2.74
C ARG A 240 -11.89 6.33 1.77
N VAL A 241 -13.08 5.85 2.09
CA VAL A 241 -13.81 4.93 1.23
C VAL A 241 -15.18 5.54 0.91
N TYR A 242 -15.44 5.68 -0.39
CA TYR A 242 -16.69 6.21 -0.92
C TYR A 242 -17.48 5.10 -1.58
N GLU A 243 -18.81 5.15 -1.42
CA GLU A 243 -19.67 4.26 -2.16
C GLU A 243 -20.64 5.07 -3.00
S SO4 B . -13.53 -3.55 -22.06
O1 SO4 B . -12.51 -3.82 -21.06
O2 SO4 B . -14.01 -2.17 -21.90
O3 SO4 B . -12.96 -3.71 -23.39
O4 SO4 B . -14.68 -4.46 -21.92
CA CA C . -5.55 13.70 8.85
C1 EOH D . -2.98 -5.78 17.02
C2 EOH D . -1.77 -4.96 17.45
O EOH D . -2.87 -6.24 15.70
C1 EOH E . -17.42 9.57 7.81
C2 EOH E . -18.10 8.31 7.27
O EOH E . -16.10 9.31 8.22
C1 GOL F . 2.91 -6.11 -3.67
O1 GOL F . 2.62 -7.44 -4.03
C2 GOL F . 2.50 -5.79 -2.23
O2 GOL F . 3.30 -6.49 -1.30
C3 GOL F . 2.64 -4.30 -1.97
O3 GOL F . 3.97 -3.86 -2.15
C1 GOL G . 4.85 -6.18 -6.96
O1 GOL G . 4.53 -7.41 -6.34
C2 GOL G . 3.87 -5.94 -8.09
O2 GOL G . 2.59 -5.72 -7.53
C3 GOL G . 4.25 -4.72 -8.91
O3 GOL G . 3.59 -4.77 -10.15
C1 GOL H . 2.48 -11.20 -2.65
O1 GOL H . 1.60 -10.17 -2.29
C2 GOL H . 3.25 -10.83 -3.92
O2 GOL H . 4.00 -9.64 -3.74
C3 GOL H . 4.20 -11.96 -4.26
O3 GOL H . 4.38 -11.98 -5.66
#